data_4PDZ
#
_entry.id   4PDZ
#
_cell.length_a   34.988
_cell.length_b   57.119
_cell.length_c   47.998
_cell.angle_alpha   90.000
_cell.angle_beta   110.970
_cell.angle_gamma   90.000
#
_symmetry.space_group_name_H-M   'P 1 21 1'
#
loop_
_entity.id
_entity.type
_entity.pdbx_description
1 polymer 'Protein S100-B'
2 non-polymer 'CALCIUM ION'
3 non-polymer 1,2-dimethoxy-12-methyl[1,3]benzodioxolo[5,6-c]phenanthridin-12-ium
4 water water
#
_entity_poly.entity_id   1
_entity_poly.type   'polypeptide(L)'
_entity_poly.pdbx_seq_one_letter_code
;MSELEKAVVALIDVFHQYSGREGDKHKLKKSELKELINNELSHFLEEIKEQEVVDKVMETLDSDGDGECDFQEFMAFVAM
ITTACHEFFEHE
;
_entity_poly.pdbx_strand_id   A,B
#
loop_
_chem_comp.id
_chem_comp.type
_chem_comp.name
_chem_comp.formula
CA non-polymer 'CALCIUM ION' 'Ca 2'
CTI non-polymer 1,2-dimethoxy-12-methyl[1,3]benzodioxolo[5,6-c]phenanthridin-12-ium 'C21 H18 N O4 1'
#
# COMPACT_ATOMS: atom_id res chain seq x y z
N MET A 1 14.41 -0.54 10.94
CA MET A 1 13.79 -0.19 9.67
C MET A 1 13.34 1.27 9.61
N SER A 2 13.24 1.79 8.39
CA SER A 2 12.73 3.15 8.13
C SER A 2 11.25 3.19 8.37
N GLU A 3 10.65 4.38 8.37
CA GLU A 3 9.20 4.42 8.56
C GLU A 3 8.46 3.74 7.40
N LEU A 4 8.96 3.91 6.17
CA LEU A 4 8.34 3.26 5.02
C LEU A 4 8.45 1.74 5.15
N GLU A 5 9.58 1.25 5.65
CA GLU A 5 9.72 -0.20 5.81
C GLU A 5 8.81 -0.82 6.88
N LYS A 6 8.70 -0.15 8.02
CA LYS A 6 7.74 -0.56 9.06
C LYS A 6 6.33 -0.55 8.49
N ALA A 7 6.03 0.44 7.64
CA ALA A 7 4.68 0.50 7.05
C ALA A 7 4.42 -0.71 6.15
N VAL A 8 5.40 -1.05 5.33
CA VAL A 8 5.28 -2.21 4.45
C VAL A 8 5.05 -3.45 5.31
N VAL A 9 5.85 -3.59 6.37
CA VAL A 9 5.72 -4.75 7.25
C VAL A 9 4.36 -4.83 7.96
N ALA A 10 3.86 -3.69 8.44
CA ALA A 10 2.58 -3.68 9.14
C ALA A 10 1.41 -4.13 8.27
N LEU A 11 1.44 -3.76 6.98
CA LEU A 11 0.36 -4.15 6.07
C LEU A 11 0.30 -5.67 5.94
N ILE A 12 1.47 -6.28 5.80
CA ILE A 12 1.54 -7.74 5.77
C ILE A 12 1.07 -8.30 7.10
N ASP A 13 1.47 -7.64 8.19
CA ASP A 13 1.19 -8.08 9.55
C ASP A 13 -0.30 -8.05 9.88
N VAL A 14 -0.93 -6.92 9.60
CA VAL A 14 -2.35 -6.74 9.86
C VAL A 14 -3.21 -7.69 9.03
N PHE A 15 -2.88 -7.86 7.76
CA PHE A 15 -3.62 -8.78 6.92
C PHE A 15 -3.55 -10.20 7.50
N HIS A 16 -2.34 -10.62 7.81
CA HIS A 16 -2.10 -11.96 8.35
C HIS A 16 -2.91 -12.18 9.62
N GLN A 17 -2.90 -11.19 10.51
CA GLN A 17 -3.62 -11.27 11.78
C GLN A 17 -5.10 -11.60 11.58
N TYR A 18 -5.74 -10.85 10.69
CA TYR A 18 -7.18 -11.01 10.50
C TYR A 18 -7.52 -12.18 9.59
N SER A 19 -6.67 -12.43 8.59
CA SER A 19 -6.95 -13.49 7.63
C SER A 19 -6.78 -14.88 8.26
N GLY A 20 -5.90 -14.99 9.26
CA GLY A 20 -5.60 -16.27 9.86
C GLY A 20 -6.54 -16.69 10.99
N ARG A 21 -7.66 -15.98 11.13
CA ARG A 21 -8.61 -16.29 12.21
C ARG A 21 -9.50 -17.46 11.83
N GLU A 22 -10.11 -17.40 10.64
CA GLU A 22 -11.12 -18.39 10.29
C GLU A 22 -10.95 -18.89 8.85
N GLY A 23 -11.36 -20.14 8.62
CA GLY A 23 -11.39 -20.68 7.28
C GLY A 23 -10.03 -20.64 6.61
N ASP A 24 -10.01 -20.27 5.34
CA ASP A 24 -8.80 -19.95 4.61
C ASP A 24 -7.97 -18.96 5.43
N LYS A 25 -6.78 -19.41 5.85
CA LYS A 25 -5.89 -18.58 6.65
C LYS A 25 -5.18 -17.48 5.85
N HIS A 26 -5.27 -17.55 4.51
CA HIS A 26 -4.60 -16.56 3.65
C HIS A 26 -5.57 -15.57 3.00
N LYS A 27 -6.83 -15.58 3.44
CA LYS A 27 -7.85 -14.68 2.89
C LYS A 27 -8.78 -14.17 4.00
N LEU A 28 -9.45 -13.05 3.72
CA LEU A 28 -10.38 -12.45 4.67
C LEU A 28 -11.79 -12.77 4.26
N LYS A 29 -12.51 -13.52 5.09
CA LYS A 29 -13.95 -13.69 4.89
C LYS A 29 -14.65 -12.42 5.37
N LYS A 30 -15.94 -12.33 5.14
CA LYS A 30 -16.68 -11.15 5.55
C LYS A 30 -16.46 -10.73 7.01
N SER A 31 -16.53 -11.70 7.93
CA SER A 31 -16.43 -11.40 9.36
C SER A 31 -15.07 -10.83 9.70
N GLU A 32 -14.06 -11.37 9.03
CA GLU A 32 -12.69 -10.94 9.20
C GLU A 32 -12.46 -9.54 8.59
N LEU A 33 -13.01 -9.32 7.40
CA LEU A 33 -12.88 -8.02 6.76
C LEU A 33 -13.61 -6.98 7.61
N LYS A 34 -14.80 -7.33 8.12
CA LYS A 34 -15.54 -6.42 8.99
C LYS A 34 -14.75 -5.99 10.25
N GLU A 35 -14.17 -6.96 10.95
CA GLU A 35 -13.45 -6.65 12.17
C GLU A 35 -12.15 -5.88 11.93
N LEU A 36 -11.43 -6.22 10.85
CA LEU A 36 -10.25 -5.45 10.46
C LEU A 36 -10.63 -3.99 10.28
N ILE A 37 -11.71 -3.75 9.54
CA ILE A 37 -12.16 -2.38 9.29
C ILE A 37 -12.56 -1.68 10.58
N ASN A 38 -13.32 -2.38 11.42
CA ASN A 38 -13.84 -1.81 12.64
C ASN A 38 -12.78 -1.52 13.72
N ASN A 39 -11.81 -2.41 13.84
CA ASN A 39 -10.76 -2.29 14.84
C ASN A 39 -9.56 -1.48 14.39
N GLU A 40 -9.25 -1.56 13.10
CA GLU A 40 -7.97 -1.04 12.66
C GLU A 40 -8.06 0.21 11.78
N LEU A 41 -9.25 0.51 11.27
CA LEU A 41 -9.44 1.68 10.41
C LEU A 41 -10.53 2.59 10.97
N SER A 42 -10.63 2.61 12.30
CA SER A 42 -11.74 3.28 12.96
C SER A 42 -11.70 4.82 12.78
N HIS A 43 -10.52 5.35 12.47
CA HIS A 43 -10.38 6.79 12.24
C HIS A 43 -10.56 7.17 10.77
N PHE A 44 -10.72 6.18 9.90
CA PHE A 44 -10.83 6.46 8.47
C PHE A 44 -12.17 6.08 7.86
N LEU A 45 -12.76 5.01 8.38
CA LEU A 45 -13.99 4.50 7.82
C LEU A 45 -15.04 4.39 8.90
N GLU A 46 -16.28 4.67 8.55
CA GLU A 46 -17.39 4.52 9.49
C GLU A 46 -17.50 3.06 9.90
N GLU A 47 -17.70 2.84 11.19
CA GLU A 47 -17.88 1.50 11.75
C GLU A 47 -18.99 0.75 11.02
N ILE A 48 -18.70 -0.49 10.64
CA ILE A 48 -19.68 -1.32 9.95
C ILE A 48 -20.60 -2.00 10.98
N LYS A 49 -21.90 -1.70 10.91
CA LYS A 49 -22.90 -2.29 11.80
C LYS A 49 -24.05 -2.93 11.06
N GLU A 50 -23.94 -3.04 9.74
CA GLU A 50 -25.03 -3.63 8.96
C GLU A 50 -24.51 -4.69 8.03
N GLN A 51 -25.27 -5.76 7.88
CA GLN A 51 -24.89 -6.85 6.99
C GLN A 51 -24.81 -6.34 5.55
N GLU A 52 -25.71 -5.42 5.17
CA GLU A 52 -25.68 -4.88 3.81
C GLU A 52 -24.38 -4.15 3.53
N VAL A 53 -23.84 -3.50 4.55
CA VAL A 53 -22.62 -2.72 4.38
C VAL A 53 -21.41 -3.63 4.22
N VAL A 54 -21.30 -4.64 5.08
CA VAL A 54 -20.17 -5.56 4.94
C VAL A 54 -20.26 -6.33 3.62
N ASP A 55 -21.48 -6.61 3.16
CA ASP A 55 -21.69 -7.23 1.86
C ASP A 55 -21.24 -6.32 0.75
N LYS A 56 -21.55 -5.04 0.86
CA LYS A 56 -21.19 -4.10 -0.19
C LYS A 56 -19.67 -3.89 -0.24
N VAL A 57 -19.06 -3.81 0.94
CA VAL A 57 -17.61 -3.64 1.04
C VAL A 57 -16.90 -4.82 0.40
N MET A 58 -17.32 -6.04 0.72
CA MET A 58 -16.72 -7.22 0.11
C MET A 58 -16.95 -7.33 -1.41
N GLU A 59 -18.15 -7.00 -1.86
CA GLU A 59 -18.47 -7.00 -3.29
C GLU A 59 -17.51 -6.07 -4.04
N THR A 60 -17.27 -4.91 -3.46
CA THR A 60 -16.36 -3.91 -4.03
C THR A 60 -14.92 -4.43 -4.13
N LEU A 61 -14.43 -5.01 -3.05
CA LEU A 61 -13.03 -5.41 -2.99
C LEU A 61 -12.72 -6.75 -3.67
N ASP A 62 -13.70 -7.64 -3.76
CA ASP A 62 -13.37 -8.96 -4.31
C ASP A 62 -13.36 -9.04 -5.84
N SER A 63 -12.21 -8.73 -6.41
CA SER A 63 -12.02 -8.68 -7.85
C SER A 63 -12.07 -10.04 -8.54
N ASP A 64 -11.71 -11.10 -7.83
CA ASP A 64 -11.69 -12.41 -8.47
C ASP A 64 -13.03 -13.12 -8.29
N GLY A 65 -13.70 -12.85 -7.18
CA GLY A 65 -15.06 -13.34 -7.02
C GLY A 65 -15.27 -14.50 -6.07
N ASP A 66 -14.22 -14.97 -5.39
CA ASP A 66 -14.36 -16.11 -4.49
C ASP A 66 -15.04 -15.79 -3.15
N GLY A 67 -15.61 -14.59 -3.05
CA GLY A 67 -16.35 -14.18 -1.87
C GLY A 67 -15.51 -13.73 -0.69
N GLU A 68 -14.19 -13.76 -0.84
CA GLU A 68 -13.27 -13.32 0.20
C GLU A 68 -12.29 -12.31 -0.37
N CYS A 69 -11.52 -11.68 0.52
CA CYS A 69 -10.53 -10.69 0.13
C CYS A 69 -9.12 -11.24 0.36
N ASP A 70 -8.39 -11.52 -0.72
CA ASP A 70 -7.01 -12.00 -0.62
C ASP A 70 -6.03 -10.85 -0.41
N PHE A 71 -4.74 -11.15 -0.26
CA PHE A 71 -3.79 -10.07 0.04
C PHE A 71 -3.74 -9.01 -1.05
N GLN A 72 -3.83 -9.45 -2.30
CA GLN A 72 -3.71 -8.58 -3.45
C GLN A 72 -4.92 -7.64 -3.55
N GLU A 73 -6.06 -8.14 -3.14
CA GLU A 73 -7.27 -7.34 -3.09
C GLU A 73 -7.23 -6.38 -1.90
N PHE A 74 -6.63 -6.85 -0.80
CA PHE A 74 -6.41 -6.03 0.39
C PHE A 74 -5.47 -4.86 0.07
N MET A 75 -4.38 -5.14 -0.65
CA MET A 75 -3.49 -4.05 -1.11
C MET A 75 -4.18 -3.05 -2.04
N ALA A 76 -5.11 -3.51 -2.87
CA ALA A 76 -5.90 -2.60 -3.68
C ALA A 76 -6.79 -1.72 -2.78
N PHE A 77 -7.31 -2.31 -1.70
CA PHE A 77 -8.11 -1.57 -0.72
C PHE A 77 -7.25 -0.51 -0.03
N VAL A 78 -6.05 -0.91 0.41
CA VAL A 78 -5.15 0.05 1.04
C VAL A 78 -4.80 1.17 0.06
N ALA A 79 -4.54 0.82 -1.20
CA ALA A 79 -4.26 1.84 -2.22
C ALA A 79 -5.36 2.89 -2.38
N MET A 80 -6.62 2.48 -2.45
CA MET A 80 -7.70 3.47 -2.54
C MET A 80 -7.73 4.44 -1.38
N ILE A 81 -7.59 3.91 -0.17
CA ILE A 81 -7.66 4.73 1.02
C ILE A 81 -6.52 5.73 1.03
N THR A 82 -5.32 5.23 0.84
CA THR A 82 -4.13 6.09 0.89
C THR A 82 -4.11 7.15 -0.21
N THR A 83 -4.52 6.75 -1.40
CA THR A 83 -4.55 7.66 -2.52
C THR A 83 -5.59 8.75 -2.31
N ALA A 84 -6.76 8.37 -1.80
CA ALA A 84 -7.80 9.34 -1.49
C ALA A 84 -7.32 10.38 -0.48
N CYS A 85 -6.59 9.93 0.53
CA CYS A 85 -6.10 10.83 1.57
C CYS A 85 -5.01 11.73 1.02
N HIS A 86 -4.15 11.14 0.21
CA HIS A 86 -3.07 11.89 -0.43
C HIS A 86 -3.62 12.96 -1.34
N GLU A 87 -4.62 12.61 -2.14
CA GLU A 87 -5.21 13.60 -3.04
C GLU A 87 -5.86 14.74 -2.26
N PHE A 88 -6.36 14.44 -1.07
CA PHE A 88 -6.97 15.45 -0.23
C PHE A 88 -5.96 16.48 0.31
N PHE A 89 -4.85 15.99 0.84
CA PHE A 89 -3.83 16.83 1.45
C PHE A 89 -2.81 17.50 0.51
N GLU A 90 -2.59 16.91 -0.67
CA GLU A 90 -1.61 17.44 -1.63
C GLU A 90 -2.28 17.70 -2.97
N SER B 2 -4.10 2.96 15.17
CA SER B 2 -3.72 1.55 15.02
C SER B 2 -2.50 1.41 14.13
N GLU B 3 -1.92 0.21 14.09
CA GLU B 3 -0.75 -0.02 13.24
C GLU B 3 -1.05 0.14 11.75
N LEU B 4 -2.23 -0.30 11.30
CA LEU B 4 -2.60 -0.10 9.90
C LEU B 4 -2.75 1.38 9.60
N GLU B 5 -3.31 2.13 10.54
CA GLU B 5 -3.53 3.56 10.30
C GLU B 5 -2.20 4.30 10.23
N LYS B 6 -1.30 3.96 11.14
CA LYS B 6 0.05 4.52 11.11
C LYS B 6 0.75 4.21 9.79
N ALA B 7 0.55 3.01 9.26
CA ALA B 7 1.13 2.62 7.97
C ALA B 7 0.57 3.46 6.83
N VAL B 8 -0.75 3.66 6.80
CA VAL B 8 -1.36 4.48 5.77
C VAL B 8 -0.75 5.88 5.81
N VAL B 9 -0.63 6.45 7.00
CA VAL B 9 -0.07 7.79 7.15
C VAL B 9 1.41 7.84 6.76
N ALA B 10 2.18 6.82 7.12
CA ALA B 10 3.60 6.76 6.74
C ALA B 10 3.82 6.72 5.23
N LEU B 11 2.93 6.01 4.52
CA LEU B 11 3.01 5.94 3.06
C LEU B 11 2.79 7.31 2.42
N ILE B 12 1.78 8.02 2.90
CA ILE B 12 1.52 9.37 2.43
C ILE B 12 2.68 10.32 2.78
N ASP B 13 3.21 10.22 4.01
CA ASP B 13 4.28 11.13 4.43
C ASP B 13 5.60 10.93 3.68
N VAL B 14 6.05 9.68 3.57
CA VAL B 14 7.30 9.42 2.85
C VAL B 14 7.22 9.86 1.40
N PHE B 15 6.10 9.60 0.74
CA PHE B 15 5.96 10.08 -0.64
C PHE B 15 6.06 11.61 -0.70
N HIS B 16 5.31 12.28 0.17
CA HIS B 16 5.28 13.74 0.22
C HIS B 16 6.67 14.29 0.47
N GLN B 17 7.37 13.65 1.41
CA GLN B 17 8.71 14.02 1.81
C GLN B 17 9.67 14.09 0.62
N TYR B 18 9.67 13.03 -0.19
CA TYR B 18 10.59 12.92 -1.31
C TYR B 18 10.10 13.65 -2.55
N SER B 19 8.79 13.63 -2.77
CA SER B 19 8.26 14.28 -3.96
C SER B 19 8.38 15.79 -3.84
N GLY B 20 8.33 16.29 -2.60
CA GLY B 20 8.31 17.73 -2.37
C GLY B 20 9.67 18.38 -2.34
N ARG B 21 10.69 17.65 -2.78
CA ARG B 21 12.03 18.24 -2.78
C ARG B 21 12.25 19.13 -4.00
N GLU B 22 11.89 18.63 -5.17
CA GLU B 22 12.27 19.28 -6.41
C GLU B 22 11.11 19.27 -7.41
N GLY B 23 11.09 20.28 -8.27
CA GLY B 23 10.11 20.38 -9.33
C GLY B 23 8.69 20.37 -8.82
N ASP B 24 7.83 19.67 -9.55
CA ASP B 24 6.49 19.34 -9.06
C ASP B 24 6.60 18.69 -7.69
N LYS B 25 6.02 19.35 -6.69
CA LYS B 25 6.06 18.88 -5.31
C LYS B 25 5.20 17.65 -5.05
N HIS B 26 4.38 17.27 -6.03
CA HIS B 26 3.47 16.11 -5.85
C HIS B 26 3.89 14.86 -6.64
N LYS B 27 5.10 14.85 -7.20
CA LYS B 27 5.60 13.71 -7.97
C LYS B 27 7.08 13.47 -7.73
N LEU B 28 7.50 12.23 -8.01
CA LEU B 28 8.89 11.85 -7.81
C LEU B 28 9.59 11.85 -9.17
N LYS B 29 10.58 12.72 -9.35
CA LYS B 29 11.46 12.65 -10.51
C LYS B 29 12.49 11.55 -10.25
N LYS B 30 13.30 11.21 -11.25
CA LYS B 30 14.29 10.15 -11.07
C LYS B 30 15.15 10.33 -9.81
N SER B 31 15.67 11.54 -9.59
CA SER B 31 16.53 11.78 -8.44
C SER B 31 15.81 11.58 -7.10
N GLU B 32 14.54 11.96 -7.06
CA GLU B 32 13.74 11.80 -5.85
C GLU B 32 13.43 10.32 -5.58
N LEU B 33 13.10 9.60 -6.65
CA LEU B 33 12.75 8.18 -6.55
C LEU B 33 13.98 7.40 -6.10
N LYS B 34 15.12 7.73 -6.69
CA LYS B 34 16.38 7.08 -6.32
C LYS B 34 16.67 7.22 -4.83
N GLU B 35 16.54 8.44 -4.33
CA GLU B 35 16.83 8.71 -2.92
C GLU B 35 15.84 8.02 -1.96
N LEU B 36 14.57 8.00 -2.34
CA LEU B 36 13.56 7.29 -1.56
C LEU B 36 13.95 5.83 -1.42
N ILE B 37 14.31 5.21 -2.55
CA ILE B 37 14.66 3.78 -2.54
C ILE B 37 15.92 3.53 -1.71
N ASN B 38 16.92 4.36 -1.94
CA ASN B 38 18.21 4.18 -1.28
C ASN B 38 18.15 4.46 0.23
N ASN B 39 17.40 5.48 0.63
CA ASN B 39 17.31 5.86 2.04
C ASN B 39 16.24 5.13 2.81
N GLU B 40 15.14 4.79 2.16
CA GLU B 40 13.99 4.32 2.91
C GLU B 40 13.63 2.86 2.69
N LEU B 41 14.20 2.23 1.67
CA LEU B 41 13.90 0.82 1.42
C LEU B 41 15.16 -0.03 1.36
N SER B 42 16.17 0.37 2.12
CA SER B 42 17.48 -0.25 2.05
C SER B 42 17.53 -1.68 2.56
N HIS B 43 16.54 -2.07 3.36
CA HIS B 43 16.52 -3.47 3.83
C HIS B 43 15.77 -4.39 2.87
N PHE B 44 15.09 -3.83 1.87
CA PHE B 44 14.29 -4.64 0.95
C PHE B 44 14.82 -4.61 -0.49
N LEU B 45 15.40 -3.51 -0.90
CA LEU B 45 15.87 -3.36 -2.26
C LEU B 45 17.33 -2.99 -2.23
N GLU B 46 18.08 -3.54 -3.19
CA GLU B 46 19.49 -3.24 -3.32
C GLU B 46 19.66 -1.76 -3.65
N GLU B 47 20.65 -1.13 -3.02
CA GLU B 47 20.96 0.27 -3.30
C GLU B 47 21.20 0.51 -4.80
N ILE B 48 20.62 1.58 -5.32
CA ILE B 48 20.83 1.97 -6.70
C ILE B 48 22.09 2.80 -6.80
N LYS B 49 23.06 2.34 -7.60
CA LYS B 49 24.33 3.06 -7.77
C LYS B 49 24.69 3.41 -9.21
N GLU B 50 23.77 3.19 -10.14
CA GLU B 50 24.00 3.55 -11.55
C GLU B 50 22.75 4.20 -12.18
N GLN B 51 22.97 5.14 -13.10
CA GLN B 51 21.88 5.79 -13.80
C GLN B 51 21.00 4.80 -14.55
N GLU B 52 21.63 3.77 -15.12
CA GLU B 52 20.91 2.78 -15.92
C GLU B 52 19.83 2.12 -15.07
N VAL B 53 20.11 1.92 -13.79
CA VAL B 53 19.14 1.27 -12.89
C VAL B 53 17.98 2.20 -12.53
N VAL B 54 18.25 3.46 -12.18
CA VAL B 54 17.14 4.35 -11.87
C VAL B 54 16.28 4.61 -13.11
N ASP B 55 16.90 4.61 -14.30
CA ASP B 55 16.18 4.76 -15.57
C ASP B 55 15.22 3.61 -15.78
N LYS B 56 15.70 2.40 -15.52
CA LYS B 56 14.85 1.23 -15.74
C LYS B 56 13.75 1.14 -14.69
N VAL B 57 14.07 1.51 -13.44
CA VAL B 57 13.08 1.50 -12.36
C VAL B 57 11.95 2.47 -12.65
N MET B 58 12.29 3.68 -13.08
CA MET B 58 11.27 4.65 -13.45
C MET B 58 10.45 4.18 -14.64
N GLU B 59 11.11 3.56 -15.62
CA GLU B 59 10.43 3.03 -16.80
C GLU B 59 9.36 2.01 -16.38
N THR B 60 9.71 1.16 -15.43
CA THR B 60 8.80 0.15 -14.88
C THR B 60 7.60 0.76 -14.16
N LEU B 61 7.86 1.76 -13.33
CA LEU B 61 6.82 2.37 -12.50
C LEU B 61 5.98 3.47 -13.21
N ASP B 62 6.53 4.10 -14.25
CA ASP B 62 5.84 5.21 -14.91
C ASP B 62 4.78 4.69 -15.89
N SER B 63 3.60 4.40 -15.37
CA SER B 63 2.52 3.81 -16.14
C SER B 63 1.88 4.78 -17.13
N ASP B 64 1.96 6.07 -16.83
CA ASP B 64 1.35 7.10 -17.69
C ASP B 64 2.30 7.69 -18.75
N GLY B 65 3.58 7.78 -18.41
CA GLY B 65 4.56 8.22 -19.38
C GLY B 65 5.06 9.62 -19.15
N ASP B 66 4.60 10.27 -18.07
CA ASP B 66 4.99 11.66 -17.81
C ASP B 66 6.42 11.80 -17.25
N GLY B 67 7.17 10.71 -17.27
CA GLY B 67 8.56 10.71 -16.84
C GLY B 67 8.77 10.72 -15.34
N GLU B 68 7.69 10.76 -14.56
CA GLU B 68 7.80 10.75 -13.11
C GLU B 68 6.91 9.74 -12.44
N CYS B 69 7.12 9.55 -11.15
CA CYS B 69 6.31 8.59 -10.41
C CYS B 69 5.36 9.38 -9.51
N ASP B 70 4.06 9.34 -9.86
CA ASP B 70 3.04 10.00 -9.02
C ASP B 70 2.62 9.08 -7.87
N PHE B 71 1.70 9.51 -7.03
CA PHE B 71 1.37 8.68 -5.86
C PHE B 71 0.76 7.32 -6.16
N GLN B 72 -0.10 7.22 -7.19
CA GLN B 72 -0.72 5.92 -7.43
C GLN B 72 0.30 4.95 -7.99
N GLU B 73 1.26 5.51 -8.73
CA GLU B 73 2.33 4.72 -9.28
C GLU B 73 3.23 4.26 -8.15
N PHE B 74 3.37 5.13 -7.15
CA PHE B 74 4.11 4.80 -5.94
C PHE B 74 3.41 3.70 -5.16
N MET B 75 2.09 3.82 -4.98
CA MET B 75 1.36 2.75 -4.31
C MET B 75 1.43 1.41 -5.04
N ALA B 76 1.48 1.45 -6.37
CA ALA B 76 1.65 0.23 -7.16
C ALA B 76 2.99 -0.41 -6.84
N PHE B 77 4.00 0.46 -6.66
CA PHE B 77 5.32 0.03 -6.26
C PHE B 77 5.30 -0.59 -4.86
N VAL B 78 4.66 0.08 -3.90
CA VAL B 78 4.54 -0.45 -2.55
C VAL B 78 3.82 -1.79 -2.63
N ALA B 79 2.79 -1.84 -3.46
CA ALA B 79 2.04 -3.08 -3.68
C ALA B 79 2.91 -4.25 -4.19
N MET B 80 3.82 -3.95 -5.11
CA MET B 80 4.74 -4.95 -5.69
C MET B 80 5.58 -5.56 -4.59
N ILE B 81 6.17 -4.70 -3.76
CA ILE B 81 7.04 -5.11 -2.66
C ILE B 81 6.30 -5.91 -1.58
N THR B 82 5.17 -5.38 -1.14
CA THR B 82 4.41 -6.06 -0.09
C THR B 82 3.88 -7.42 -0.55
N THR B 83 3.38 -7.49 -1.78
CA THR B 83 2.86 -8.73 -2.33
C THR B 83 3.96 -9.76 -2.47
N ALA B 84 5.12 -9.31 -2.94
CA ALA B 84 6.28 -10.18 -3.09
C ALA B 84 6.66 -10.81 -1.76
N CYS B 85 6.60 -10.02 -0.69
CA CYS B 85 6.96 -10.51 0.62
C CYS B 85 5.89 -11.46 1.18
N HIS B 86 4.62 -11.15 0.95
CA HIS B 86 3.54 -12.01 1.44
C HIS B 86 3.59 -13.37 0.75
N GLU B 87 3.79 -13.36 -0.58
CA GLU B 87 3.95 -14.56 -1.40
C GLU B 87 5.16 -15.41 -0.98
N PHE B 88 6.16 -14.76 -0.40
CA PHE B 88 7.35 -15.45 0.10
C PHE B 88 6.98 -16.41 1.22
N PHE B 89 6.07 -16.01 2.09
CA PHE B 89 5.71 -16.87 3.22
C PHE B 89 4.81 -18.02 2.76
N GLU B 90 4.11 -17.83 1.64
CA GLU B 90 3.30 -18.88 1.04
C GLU B 90 3.61 -19.07 -0.44
CA CA C . -9.59 -16.25 7.05
CA CA D . -11.34 -12.70 -3.64
C1 CTI E . 10.59 -7.60 0.00
C2 CTI E . 11.28 -8.08 1.13
C3 CTI E . 12.61 -8.50 1.00
C4 CTI E . 13.25 -8.45 -0.24
C5 CTI E . 10.65 -8.12 2.38
C6 CTI E . 11.34 -8.62 3.47
C7 CTI E . 12.66 -9.02 3.35
C8 CTI E . 13.29 -8.97 2.11
N9 CTI E . 9.29 -7.69 2.47
C10 CTI E . 10.75 -8.64 4.73
C11 CTI E . 9.40 -8.41 4.86
C12 CTI E . 8.56 -8.26 3.62
C13 CTI E . 9.19 -6.22 2.56
C14 CTI E . 9.60 -8.52 7.25
C15 CTI E . 10.97 -8.72 7.10
C16 CTI E . 11.55 -8.77 5.85
C17 CTI E . 8.81 -8.38 6.12
O18 CTI E . 7.44 -8.17 6.21
C19 CTI E . 6.58 -9.03 6.94
O20 CTI E . 9.09 -8.47 8.51
C21 CTI E . 10.02 -8.43 9.61
C22 CTI E . 11.25 -7.57 -1.20
C23 CTI E . 12.53 -7.98 -1.32
O24 CTI E . 10.77 -7.14 -2.41
C25 CTI E . 11.83 -7.29 -3.37
O26 CTI E . 12.94 -7.84 -2.62
CA CA F . 9.29 16.28 -7.09
CA CA G . 3.97 9.10 -14.01
#